data_4RI5
#
_entry.id   4RI5
#
_cell.length_a   95.162
_cell.length_b   96.071
_cell.length_c   141.722
_cell.angle_alpha   90.00
_cell.angle_beta   90.00
_cell.angle_gamma   90.00
#
_symmetry.space_group_name_H-M   'C 2 2 21'
#
loop_
_entity.id
_entity.type
_entity.pdbx_description
1 polymer 'Tyrosine-protein phosphatase non-receptor type 3'
2 non-polymer GLYCEROL
3 non-polymer oxido(dioxo)vanadium
4 water water
#
_entity_poly.entity_id   1
_entity_poly.type   'polypeptide(L)'
_entity_poly.pdbx_seq_one_letter_code
;MHHHHHHSSGVDLGTENLYFQSNADTLEGSMAQLKKGLESGTVLIQFEQLYRKKPGLAITFAKLPQNLDKNRYKDVLPYD
TTRVLLQGNEDYINASYVNMEIPAANLVNKYIATQGPLPHTCAQFWQVVWDQKLSLIVMLTTLTERGRTKCHQYWPDPPD
VMNHGGFHIQCQSEDCTIAYVSREMLVTNTQTGEEHTVTHLQYVAWPEHGVPDDSSDFLEFVNYVRSLRVDSEPVLVHCS
AGIGRTGVLVTMETAMCLTERNLPIYPLDIVRKMRDQRAMMVQTSSQYKFVCEAILRVYEEGLVQM
;
_entity_poly.pdbx_strand_id   A,B
#
# COMPACT_ATOMS: atom_id res chain seq x y z
N SER A 22 7.64 18.46 38.16
CA SER A 22 6.98 17.80 39.29
C SER A 22 5.88 16.89 38.76
N ASN A 23 5.43 15.94 39.57
CA ASN A 23 4.34 15.04 39.15
C ASN A 23 2.97 15.72 39.29
N ALA A 24 2.12 15.58 38.28
CA ALA A 24 0.79 16.17 38.33
C ALA A 24 -0.12 15.39 39.29
N ASP A 25 0.19 14.12 39.47
CA ASP A 25 -0.52 13.21 40.38
C ASP A 25 0.47 12.12 40.73
N THR A 26 0.11 11.32 41.72
CA THR A 26 0.87 10.11 41.99
C THR A 26 0.60 9.14 40.85
N LEU A 27 1.45 8.15 40.72
CA LEU A 27 1.16 7.05 39.82
C LEU A 27 -0.23 6.46 40.11
N GLU A 28 -0.50 6.19 41.39
CA GLU A 28 -1.80 5.66 41.80
C GLU A 28 -2.95 6.53 41.29
N GLY A 29 -2.83 7.82 41.43
CA GLY A 29 -3.87 8.73 40.99
C GLY A 29 -4.03 8.72 39.47
N SER A 30 -2.91 8.67 38.75
CA SER A 30 -2.97 8.62 37.28
C SER A 30 -3.65 7.35 36.80
N MET A 31 -3.49 6.26 37.55
CA MET A 31 -4.12 5.00 37.19
C MET A 31 -5.63 5.00 37.51
N ALA A 32 -6.01 5.63 38.61
CA ALA A 32 -7.44 5.83 38.89
C ALA A 32 -8.09 6.67 37.79
N GLN A 33 -7.38 7.70 37.36
CA GLN A 33 -7.89 8.55 36.30
C GLN A 33 -8.06 7.79 35.00
N LEU A 34 -7.05 6.99 34.67
CA LEU A 34 -7.10 6.22 33.44
C LEU A 34 -8.26 5.21 33.45
N LYS A 35 -8.40 4.52 34.58
CA LYS A 35 -9.48 3.53 34.69
C LYS A 35 -10.84 4.19 34.56
N LYS A 36 -11.01 5.33 35.23
CA LYS A 36 -12.27 6.07 35.15
C LYS A 36 -12.55 6.52 33.72
N GLY A 37 -11.53 6.99 33.02
CA GLY A 37 -11.70 7.50 31.68
C GLY A 37 -11.95 6.44 30.63
N LEU A 38 -11.46 5.24 30.88
CA LEU A 38 -11.74 4.10 30.03
C LEU A 38 -13.21 3.68 30.18
N GLU A 39 -13.71 3.75 31.40
CA GLU A 39 -15.10 3.38 31.68
C GLU A 39 -16.07 4.42 31.13
N SER A 40 -15.72 5.69 31.23
CA SER A 40 -16.63 6.76 30.80
C SER A 40 -16.57 7.06 29.31
N GLY A 41 -15.50 6.64 28.65
CA GLY A 41 -15.27 6.95 27.26
C GLY A 41 -14.44 8.20 26.98
N THR A 42 -14.11 8.98 28.00
CA THR A 42 -13.39 10.23 27.75
C THR A 42 -11.97 10.00 27.26
N VAL A 43 -11.33 8.93 27.73
CA VAL A 43 -9.96 8.62 27.29
C VAL A 43 -9.91 8.41 25.77
N LEU A 44 -10.86 7.66 25.21
CA LEU A 44 -10.86 7.48 23.77
C LEU A 44 -11.25 8.73 23.00
N ILE A 45 -12.16 9.52 23.56
CA ILE A 45 -12.54 10.78 22.93
CA ILE A 45 -12.54 10.81 22.97
C ILE A 45 -11.31 11.68 22.78
N GLN A 46 -10.52 11.80 23.84
CA GLN A 46 -9.32 12.63 23.80
C GLN A 46 -8.31 12.11 22.77
N PHE A 47 -8.17 10.79 22.69
CA PHE A 47 -7.28 10.21 21.72
C PHE A 47 -7.70 10.60 20.32
N GLU A 48 -9.00 10.49 20.02
CA GLU A 48 -9.54 10.76 18.70
CA GLU A 48 -9.41 10.76 18.65
C GLU A 48 -9.33 12.27 18.33
N GLN A 49 -9.30 13.13 19.34
CA GLN A 49 -9.07 14.57 19.18
C GLN A 49 -7.61 14.97 18.93
N LEU A 50 -6.66 14.11 19.32
CA LEU A 50 -5.24 14.46 19.28
C LEU A 50 -4.77 14.56 17.85
N TYR A 51 -3.93 15.55 17.55
CA TYR A 51 -3.38 15.65 16.21
C TYR A 51 -2.65 14.39 15.79
N ARG A 52 -2.71 14.11 14.50
CA ARG A 52 -2.02 12.98 13.92
C ARG A 52 -0.60 13.36 13.52
N LYS A 53 -0.45 14.58 13.00
CA LYS A 53 0.84 15.11 12.56
C LYS A 53 1.05 16.40 13.29
N LYS A 54 2.25 16.65 13.78
CA LYS A 54 2.53 17.89 14.48
C LYS A 54 2.56 19.01 13.46
N PRO A 55 1.82 20.07 13.60
N PRO A 55 1.72 20.04 13.74
CA PRO A 55 1.63 21.06 12.53
CA PRO A 55 1.76 21.35 13.09
C PRO A 55 2.82 21.66 11.63
C PRO A 55 3.11 21.98 13.27
N GLY A 56 3.69 22.36 12.21
CA GLY A 56 4.92 23.00 12.06
C GLY A 56 6.12 22.13 11.86
N LEU A 57 5.97 20.82 11.55
CA LEU A 57 7.13 20.09 11.14
C LEU A 57 7.03 19.79 9.67
N ALA A 58 8.05 20.21 8.93
CA ALA A 58 8.07 20.03 7.50
C ALA A 58 8.23 18.58 7.10
N ILE A 59 7.55 18.19 6.02
CA ILE A 59 7.72 16.90 5.38
C ILE A 59 7.97 17.24 3.90
N THR A 60 9.24 17.26 3.52
CA THR A 60 9.64 17.63 2.13
C THR A 60 10.50 16.57 1.48
N PHE A 61 11.56 16.10 2.14
CA PHE A 61 12.41 15.12 1.51
C PHE A 61 11.65 13.87 1.10
N ALA A 62 10.73 13.43 1.94
CA ALA A 62 9.97 12.23 1.69
C ALA A 62 9.14 12.30 0.41
N LYS A 63 8.82 13.51 -0.03
CA LYS A 63 7.99 13.72 -1.20
C LYS A 63 8.79 14.10 -2.45
N LEU A 64 10.10 14.18 -2.37
CA LEU A 64 10.88 14.48 -3.57
C LEU A 64 10.66 13.38 -4.58
N PRO A 65 10.67 13.76 -5.88
CA PRO A 65 10.40 12.76 -6.91
C PRO A 65 11.24 11.49 -6.79
N GLN A 66 12.52 11.63 -6.47
CA GLN A 66 13.39 10.48 -6.42
C GLN A 66 13.20 9.63 -5.15
N ASN A 67 12.40 10.13 -4.21
CA ASN A 67 12.15 9.39 -2.98
C ASN A 67 10.76 8.74 -2.88
N LEU A 68 9.86 9.09 -3.79
CA LEU A 68 8.47 8.64 -3.68
C LEU A 68 8.37 7.13 -3.65
N ASP A 69 9.17 6.44 -4.45
CA ASP A 69 9.05 4.99 -4.54
C ASP A 69 9.68 4.28 -3.35
N LYS A 70 10.32 5.04 -2.48
CA LYS A 70 10.94 4.48 -1.27
C LYS A 70 9.97 4.50 -0.10
N ASN A 71 8.75 5.00 -0.29
CA ASN A 71 7.70 4.98 0.73
C ASN A 71 6.74 3.87 0.43
N ARG A 72 6.49 3.00 1.40
CA ARG A 72 5.59 1.89 1.21
C ARG A 72 4.16 2.43 1.10
N TYR A 73 3.83 3.43 1.91
CA TYR A 73 2.51 4.06 1.92
C TYR A 73 2.68 5.52 1.65
N LYS A 74 1.89 6.01 0.69
CA LYS A 74 2.11 7.32 0.16
C LYS A 74 2.08 8.42 1.21
N ASP A 75 1.23 8.26 2.22
CA ASP A 75 1.06 9.34 3.20
C ASP A 75 1.60 9.01 4.60
N VAL A 76 2.39 7.95 4.73
CA VAL A 76 3.07 7.65 5.99
C VAL A 76 4.54 8.01 5.77
N LEU A 77 4.89 9.20 6.20
CA LEU A 77 6.14 9.85 5.84
C LEU A 77 6.87 10.43 7.05
N PRO A 78 8.20 10.39 7.05
CA PRO A 78 8.96 10.98 8.16
C PRO A 78 9.02 12.49 8.06
N TYR A 79 9.06 13.15 9.21
CA TYR A 79 9.40 14.55 9.27
C TYR A 79 10.85 14.75 8.82
N ASP A 80 11.11 15.91 8.20
CA ASP A 80 12.46 16.27 7.82
C ASP A 80 13.43 16.24 9.01
N THR A 81 12.99 16.80 10.14
CA THR A 81 13.92 17.01 11.23
C THR A 81 14.35 15.72 11.91
N THR A 82 13.49 14.71 11.97
CA THR A 82 13.80 13.50 12.71
C THR A 82 14.03 12.28 11.83
N ARG A 83 14.09 12.48 10.51
CA ARG A 83 14.32 11.34 9.64
C ARG A 83 15.74 10.81 9.79
N VAL A 84 15.91 9.52 9.56
CA VAL A 84 17.23 8.90 9.59
C VAL A 84 17.93 9.19 8.27
N LEU A 85 19.16 9.67 8.34
CA LEU A 85 19.93 10.00 7.14
C LEU A 85 20.85 8.86 6.75
N LEU A 86 20.84 8.52 5.46
CA LEU A 86 21.80 7.60 4.89
C LEU A 86 22.98 8.45 4.42
N GLN A 87 24.16 7.86 4.40
CA GLN A 87 25.33 8.60 3.96
C GLN A 87 25.35 8.72 2.45
N GLY A 88 25.97 9.79 1.97
CA GLY A 88 26.26 9.91 0.56
C GLY A 88 25.14 10.45 -0.28
N ASN A 89 24.89 9.77 -1.40
CA ASN A 89 24.11 10.35 -2.48
C ASN A 89 22.63 10.45 -2.09
N GLU A 90 21.88 9.40 -2.34
CA GLU A 90 20.50 9.34 -1.91
C GLU A 90 20.47 9.18 -0.38
N ASP A 91 20.20 10.25 0.36
CA ASP A 91 20.23 10.15 1.82
C ASP A 91 18.93 9.58 2.43
N TYR A 92 17.98 9.13 1.61
CA TYR A 92 16.61 8.92 2.10
C TYR A 92 16.22 7.49 2.41
N ILE A 93 15.69 7.35 3.63
CA ILE A 93 14.95 6.15 4.03
C ILE A 93 13.74 6.58 4.85
N ASN A 94 12.64 5.84 4.70
CA ASN A 94 11.45 6.12 5.48
C ASN A 94 11.63 5.53 6.88
N ALA A 95 12.25 6.31 7.74
CA ALA A 95 12.61 5.90 9.10
C ALA A 95 12.77 7.15 9.89
N SER A 96 12.46 7.08 11.18
CA SER A 96 12.49 8.22 12.06
C SER A 96 13.15 7.86 13.39
N TYR A 97 13.93 8.79 13.93
CA TYR A 97 14.36 8.69 15.32
C TYR A 97 13.19 9.00 16.23
N VAL A 98 12.93 8.10 17.19
CA VAL A 98 11.91 8.35 18.20
C VAL A 98 12.54 8.05 19.55
N ASN A 99 12.67 9.08 20.37
CA ASN A 99 13.33 8.98 21.67
C ASN A 99 12.35 9.35 22.75
N MET A 100 12.18 8.46 23.74
CA MET A 100 11.23 8.69 24.81
C MET A 100 11.97 8.97 26.11
N GLU A 101 11.73 10.14 26.68
CA GLU A 101 12.44 10.58 27.88
C GLU A 101 11.64 10.19 29.10
N ILE A 102 12.32 9.64 30.11
CA ILE A 102 11.66 9.32 31.38
C ILE A 102 12.13 10.37 32.40
N PRO A 103 11.18 11.17 32.91
CA PRO A 103 11.45 12.44 33.62
C PRO A 103 12.36 12.33 34.83
N ALA A 104 13.54 12.94 34.72
CA ALA A 104 14.49 13.02 35.82
C ALA A 104 14.84 11.66 36.39
N ALA A 105 14.57 10.61 35.61
CA ALA A 105 15.16 9.30 35.84
C ALA A 105 16.49 9.22 35.10
N ASN A 106 16.88 10.33 34.46
CA ASN A 106 18.09 10.36 33.64
C ASN A 106 18.10 9.21 32.66
N LEU A 107 16.97 9.05 31.96
CA LEU A 107 16.77 7.90 31.09
C LEU A 107 16.08 8.35 29.80
N VAL A 108 16.66 7.98 28.67
CA VAL A 108 16.02 8.14 27.36
C VAL A 108 16.04 6.79 26.68
N ASN A 109 14.87 6.32 26.25
CA ASN A 109 14.79 5.10 25.47
C ASN A 109 14.77 5.46 23.99
N LYS A 110 15.79 5.01 23.26
CA LYS A 110 15.94 5.37 21.86
C LYS A 110 15.36 4.29 20.96
N TYR A 111 14.69 4.74 19.89
CA TYR A 111 14.16 3.86 18.85
C TYR A 111 14.45 4.44 17.49
N ILE A 112 14.49 3.57 16.50
CA ILE A 112 14.30 3.97 15.12
C ILE A 112 13.03 3.26 14.67
N ALA A 113 12.02 4.05 14.27
CA ALA A 113 10.76 3.52 13.81
C ALA A 113 10.74 3.60 12.30
N THR A 114 10.49 2.49 11.64
CA THR A 114 10.55 2.48 10.18
C THR A 114 9.48 1.57 9.62
N GLN A 115 9.28 1.68 8.31
CA GLN A 115 8.36 0.84 7.58
C GLN A 115 8.97 -0.51 7.29
N GLY A 116 8.14 -1.47 6.89
CA GLY A 116 8.66 -2.73 6.38
C GLY A 116 9.36 -2.47 5.05
N PRO A 117 10.62 -2.85 4.92
CA PRO A 117 11.34 -2.56 3.68
C PRO A 117 10.66 -3.11 2.44
N LEU A 118 10.86 -2.38 1.33
CA LEU A 118 10.40 -2.78 0.01
C LEU A 118 11.54 -3.56 -0.61
N PRO A 119 11.28 -4.29 -1.72
CA PRO A 119 12.39 -5.03 -2.31
C PRO A 119 13.62 -4.15 -2.58
N HIS A 120 13.39 -2.94 -3.07
CA HIS A 120 14.48 -2.06 -3.43
C HIS A 120 14.98 -1.13 -2.31
N THR A 121 14.43 -1.26 -1.09
CA THR A 121 14.97 -0.49 0.04
C THR A 121 15.67 -1.35 1.10
N CYS A 122 15.79 -2.65 0.83
CA CYS A 122 16.48 -3.54 1.76
C CYS A 122 17.92 -3.12 2.00
N ALA A 123 18.60 -2.69 0.93
CA ALA A 123 19.98 -2.23 1.06
C ALA A 123 20.10 -1.02 2.01
N GLN A 124 19.14 -0.11 1.93
CA GLN A 124 19.15 1.05 2.80
C GLN A 124 18.83 0.67 4.25
N PHE A 125 17.88 -0.24 4.41
CA PHE A 125 17.55 -0.77 5.74
C PHE A 125 18.80 -1.35 6.42
N TRP A 126 19.51 -2.23 5.72
CA TRP A 126 20.68 -2.86 6.30
C TRP A 126 21.81 -1.84 6.53
N GLN A 127 21.88 -0.81 5.67
CA GLN A 127 22.86 0.23 5.87
C GLN A 127 22.66 0.96 7.20
N VAL A 128 21.41 1.23 7.58
CA VAL A 128 21.10 1.87 8.84
C VAL A 128 21.55 0.96 9.99
N VAL A 129 21.22 -0.33 9.89
CA VAL A 129 21.58 -1.31 10.90
C VAL A 129 23.10 -1.35 11.06
N TRP A 130 23.81 -1.39 9.94
CA TRP A 130 25.27 -1.46 9.95
C TRP A 130 25.90 -0.20 10.49
N ASP A 131 25.52 0.95 9.93
CA ASP A 131 26.18 2.19 10.28
C ASP A 131 26.00 2.53 11.74
N GLN A 132 24.88 2.13 12.33
CA GLN A 132 24.63 2.40 13.74
C GLN A 132 24.85 1.17 14.63
N LYS A 133 25.30 0.08 14.03
CA LYS A 133 25.57 -1.18 14.73
C LYS A 133 24.42 -1.55 15.66
N LEU A 134 23.21 -1.55 15.08
CA LEU A 134 22.00 -1.87 15.83
C LEU A 134 21.98 -3.37 16.06
N SER A 135 21.82 -3.76 17.33
CA SER A 135 21.88 -5.17 17.68
CA SER A 135 21.88 -5.15 17.73
C SER A 135 20.51 -5.80 17.89
N LEU A 136 19.45 -5.00 17.82
CA LEU A 136 18.08 -5.52 17.96
C LEU A 136 17.10 -4.92 16.95
N ILE A 137 16.45 -5.80 16.21
CA ILE A 137 15.36 -5.43 15.32
C ILE A 137 14.10 -6.09 15.85
N VAL A 138 13.04 -5.30 16.02
CA VAL A 138 11.73 -5.81 16.43
C VAL A 138 10.74 -5.58 15.28
N MET A 139 10.30 -6.66 14.68
CA MET A 139 9.37 -6.66 13.57
C MET A 139 8.01 -7.09 14.06
N LEU A 140 7.03 -6.23 13.87
N LEU A 140 6.96 -6.31 13.82
CA LEU A 140 5.67 -6.43 14.38
CA LEU A 140 5.66 -6.58 14.44
C LEU A 140 4.69 -6.60 13.22
C LEU A 140 4.60 -7.03 13.45
N THR A 141 5.03 -7.50 12.29
CA THR A 141 4.12 -7.90 11.23
C THR A 141 4.53 -9.26 10.69
N THR A 142 3.57 -9.97 10.12
CA THR A 142 3.88 -11.08 9.22
C THR A 142 4.24 -10.49 7.85
N LEU A 143 4.86 -11.31 7.00
CA LEU A 143 5.28 -10.83 5.68
C LEU A 143 4.07 -10.50 4.79
N THR A 144 2.99 -11.25 4.97
CA THR A 144 1.76 -11.05 4.23
C THR A 144 0.54 -11.14 5.15
N GLU A 145 -0.53 -10.46 4.76
CA GLU A 145 -1.85 -10.59 5.37
CA GLU A 145 -1.85 -10.59 5.39
C GLU A 145 -2.89 -10.66 4.28
N ARG A 146 -3.71 -11.71 4.29
CA ARG A 146 -4.70 -11.90 3.23
C ARG A 146 -4.06 -11.85 1.83
N GLY A 147 -2.90 -12.46 1.69
CA GLY A 147 -2.21 -12.54 0.42
C GLY A 147 -1.49 -11.29 -0.02
N ARG A 148 -1.71 -10.19 0.69
CA ARG A 148 -1.10 -8.93 0.35
C ARG A 148 0.20 -8.79 1.12
N THR A 149 1.25 -8.45 0.42
CA THR A 149 2.55 -8.27 1.02
C THR A 149 2.57 -7.01 1.89
N LYS A 150 3.04 -7.17 3.10
CA LYS A 150 3.16 -6.11 4.08
C LYS A 150 4.61 -5.73 4.36
N CYS A 151 5.55 -6.63 4.06
CA CYS A 151 6.96 -6.38 4.26
C CYS A 151 7.71 -7.34 3.36
N HIS A 152 8.78 -6.87 2.74
CA HIS A 152 9.63 -7.76 1.97
C HIS A 152 10.48 -8.59 2.92
N GLN A 153 10.77 -9.85 2.58
CA GLN A 153 11.64 -10.63 3.43
C GLN A 153 13.09 -10.22 3.18
N TYR A 154 13.63 -9.42 4.08
CA TYR A 154 14.94 -8.79 3.92
C TYR A 154 16.06 -9.60 4.57
N TRP A 155 15.74 -10.80 5.02
CA TRP A 155 16.70 -11.74 5.57
C TRP A 155 16.54 -13.08 4.84
N PRO A 156 17.62 -13.88 4.76
CA PRO A 156 17.50 -15.18 4.09
C PRO A 156 17.01 -16.28 5.02
N ASP A 157 16.26 -17.23 4.49
CA ASP A 157 15.97 -18.46 5.20
C ASP A 157 17.31 -19.17 5.40
N PRO A 158 17.56 -19.71 6.61
CA PRO A 158 18.78 -20.52 6.72
C PRO A 158 18.69 -21.79 5.85
N PRO A 159 19.82 -22.26 5.29
CA PRO A 159 21.19 -21.74 5.39
C PRO A 159 21.53 -20.76 4.28
N ASP A 160 20.52 -20.25 3.58
CA ASP A 160 20.76 -19.37 2.44
C ASP A 160 21.47 -18.10 2.89
N VAL A 161 22.07 -17.43 1.93
CA VAL A 161 22.73 -16.16 2.17
C VAL A 161 22.07 -15.11 1.27
N MET A 162 22.08 -13.87 1.73
CA MET A 162 21.47 -12.76 1.01
C MET A 162 22.50 -11.66 0.89
N ASN A 163 22.48 -10.96 -0.25
CA ASN A 163 23.35 -9.80 -0.44
C ASN A 163 22.51 -8.54 -0.68
N HIS A 164 22.65 -7.57 0.22
CA HIS A 164 21.93 -6.30 0.11
C HIS A 164 22.91 -5.15 0.25
N GLY A 165 23.08 -4.39 -0.83
CA GLY A 165 23.90 -3.20 -0.83
C GLY A 165 25.28 -3.37 -0.21
N GLY A 166 26.01 -4.40 -0.62
CA GLY A 166 27.36 -4.61 -0.15
C GLY A 166 27.41 -5.25 1.24
N PHE A 167 26.27 -5.72 1.72
CA PHE A 167 26.24 -6.48 2.97
C PHE A 167 25.89 -7.92 2.68
N HIS A 168 26.51 -8.80 3.44
CA HIS A 168 26.31 -10.24 3.34
C HIS A 168 25.51 -10.64 4.59
N ILE A 169 24.29 -11.15 4.39
CA ILE A 169 23.41 -11.51 5.52
C ILE A 169 23.20 -13.02 5.59
N GLN A 170 23.41 -13.59 6.77
CA GLN A 170 23.04 -14.98 7.00
C GLN A 170 22.30 -15.14 8.32
N CYS A 171 21.33 -16.03 8.31
CA CYS A 171 20.54 -16.32 9.49
C CYS A 171 21.15 -17.51 10.21
N GLN A 172 21.73 -17.25 11.39
CA GLN A 172 22.46 -18.29 12.14
C GLN A 172 21.55 -19.23 12.92
N SER A 173 20.40 -18.72 13.33
CA SER A 173 19.46 -19.52 14.10
C SER A 173 18.06 -18.96 13.92
N GLU A 174 17.09 -19.84 14.08
CA GLU A 174 15.68 -19.51 13.92
C GLU A 174 14.92 -20.41 14.90
N ASP A 175 14.25 -19.78 15.86
CA ASP A 175 13.48 -20.51 16.85
CA ASP A 175 13.50 -20.50 16.88
C ASP A 175 12.14 -19.83 17.07
N CYS A 176 11.10 -20.62 17.12
CA CYS A 176 9.74 -20.12 17.23
C CYS A 176 9.14 -20.33 18.61
N THR A 177 8.28 -19.39 18.96
CA THR A 177 7.39 -19.49 20.10
C THR A 177 5.98 -19.23 19.62
N ILE A 178 4.99 -19.34 20.49
CA ILE A 178 3.62 -19.18 20.06
C ILE A 178 3.37 -17.84 19.36
N ALA A 179 3.95 -16.75 19.86
CA ALA A 179 3.64 -15.42 19.32
C ALA A 179 4.74 -14.78 18.48
N TYR A 180 5.96 -15.30 18.53
CA TYR A 180 7.07 -14.64 17.83
C TYR A 180 8.18 -15.60 17.43
N VAL A 181 8.95 -15.20 16.43
CA VAL A 181 10.11 -15.94 15.94
C VAL A 181 11.35 -15.17 16.32
N SER A 182 12.37 -15.87 16.80
CA SER A 182 13.65 -15.26 17.18
CA SER A 182 13.62 -15.26 17.17
C SER A 182 14.72 -15.74 16.24
N ARG A 183 15.42 -14.81 15.63
CA ARG A 183 16.48 -15.13 14.69
C ARG A 183 17.74 -14.37 15.04
N GLU A 184 18.89 -15.04 14.91
CA GLU A 184 20.18 -14.38 15.01
CA GLU A 184 20.17 -14.37 15.02
C GLU A 184 20.73 -14.21 13.62
N MET A 185 21.10 -12.96 13.30
CA MET A 185 21.59 -12.67 11.97
CA MET A 185 21.56 -12.58 11.96
C MET A 185 23.03 -12.17 12.04
N LEU A 186 23.82 -12.68 11.11
CA LEU A 186 25.21 -12.26 10.96
C LEU A 186 25.30 -11.37 9.72
N VAL A 187 25.75 -10.14 9.92
CA VAL A 187 25.89 -9.17 8.85
C VAL A 187 27.37 -8.95 8.60
N THR A 188 27.81 -9.22 7.38
CA THR A 188 29.21 -9.05 7.01
C THR A 188 29.34 -7.98 5.93
N ASN A 189 30.16 -6.99 6.21
CA ASN A 189 30.57 -6.02 5.20
C ASN A 189 31.49 -6.73 4.22
N THR A 190 31.01 -6.92 3.00
CA THR A 190 31.71 -7.75 2.02
C THR A 190 33.12 -7.22 1.73
N GLN A 191 33.27 -5.90 1.63
CA GLN A 191 34.56 -5.30 1.31
C GLN A 191 35.61 -5.62 2.36
N THR A 192 35.29 -5.36 3.62
CA THR A 192 36.27 -5.43 4.71
C THR A 192 36.20 -6.69 5.55
N GLY A 193 35.07 -7.39 5.47
CA GLY A 193 34.90 -8.63 6.22
C GLY A 193 34.59 -8.41 7.68
N GLU A 194 34.28 -7.17 8.06
CA GLU A 194 33.87 -6.89 9.44
C GLU A 194 32.50 -7.54 9.66
N GLU A 195 32.29 -8.03 10.88
CA GLU A 195 31.06 -8.77 11.21
C GLU A 195 30.28 -8.08 12.31
N HIS A 196 28.95 -8.19 12.22
CA HIS A 196 28.06 -7.59 13.21
C HIS A 196 26.86 -8.52 13.39
N THR A 197 26.53 -8.81 14.65
CA THR A 197 25.43 -9.74 14.98
C THR A 197 24.19 -8.94 15.39
N VAL A 198 23.04 -9.37 14.87
CA VAL A 198 21.78 -8.72 15.18
C VAL A 198 20.78 -9.79 15.63
N THR A 199 20.10 -9.50 16.73
CA THR A 199 18.93 -10.27 17.14
C THR A 199 17.68 -9.68 16.48
N HIS A 200 16.93 -10.55 15.84
CA HIS A 200 15.74 -10.17 15.08
C HIS A 200 14.56 -10.91 15.70
N LEU A 201 13.57 -10.15 16.19
CA LEU A 201 12.35 -10.72 16.76
C LEU A 201 11.17 -10.34 15.90
N GLN A 202 10.44 -11.34 15.44
CA GLN A 202 9.29 -11.12 14.58
C GLN A 202 8.03 -11.58 15.31
N TYR A 203 7.19 -10.63 15.72
CA TYR A 203 5.94 -10.91 16.43
C TYR A 203 4.88 -11.15 15.38
N VAL A 204 4.33 -12.34 15.34
CA VAL A 204 3.46 -12.77 14.24
C VAL A 204 2.00 -12.80 14.62
N ALA A 205 1.67 -12.55 15.89
CA ALA A 205 0.32 -12.71 16.40
C ALA A 205 -0.31 -11.35 16.71
N TRP A 206 -0.23 -10.42 15.76
CA TRP A 206 -0.69 -9.05 15.96
C TRP A 206 -1.07 -8.45 14.59
N PRO A 207 -2.36 -8.45 14.25
CA PRO A 207 -2.74 -7.99 12.91
C PRO A 207 -2.68 -6.49 12.71
N GLU A 208 -2.51 -6.12 11.45
CA GLU A 208 -2.47 -4.72 11.05
C GLU A 208 -3.74 -3.99 11.52
N HIS A 209 -3.57 -2.80 12.07
CA HIS A 209 -4.65 -1.94 12.57
C HIS A 209 -5.36 -2.50 13.78
N GLY A 210 -4.86 -3.59 14.33
CA GLY A 210 -5.50 -4.24 15.44
C GLY A 210 -4.60 -4.38 16.64
N VAL A 211 -4.98 -5.32 17.49
CA VAL A 211 -4.37 -5.50 18.80
C VAL A 211 -3.74 -6.88 18.86
N PRO A 212 -2.80 -7.09 19.79
CA PRO A 212 -2.23 -8.43 19.92
C PRO A 212 -3.30 -9.48 20.17
N ASP A 213 -3.15 -10.63 19.54
CA ASP A 213 -4.09 -11.73 19.73
C ASP A 213 -4.19 -12.18 21.19
N ASP A 214 -3.09 -12.05 21.94
CA ASP A 214 -3.06 -12.48 23.33
C ASP A 214 -2.27 -11.44 24.14
N SER A 215 -2.93 -10.80 25.08
CA SER A 215 -2.31 -9.73 25.85
CA SER A 215 -2.33 -9.73 25.88
CA SER A 215 -2.32 -9.73 25.87
C SER A 215 -1.14 -10.22 26.70
N SER A 216 -1.26 -11.44 27.23
CA SER A 216 -0.16 -11.96 28.05
C SER A 216 1.08 -12.25 27.22
N ASP A 217 0.88 -12.79 26.02
CA ASP A 217 1.99 -13.03 25.12
C ASP A 217 2.66 -11.71 24.74
N PHE A 218 1.87 -10.68 24.54
CA PHE A 218 2.42 -9.35 24.22
C PHE A 218 3.25 -8.81 25.35
N LEU A 219 2.75 -8.88 26.57
CA LEU A 219 3.49 -8.35 27.69
C LEU A 219 4.79 -9.12 27.94
N GLU A 220 4.74 -10.44 27.82
CA GLU A 220 5.99 -11.20 27.94
C GLU A 220 7.01 -10.75 26.89
N PHE A 221 6.51 -10.51 25.68
CA PHE A 221 7.38 -10.08 24.59
C PHE A 221 7.99 -8.72 24.88
N VAL A 222 7.19 -7.77 25.37
CA VAL A 222 7.75 -6.47 25.67
C VAL A 222 8.79 -6.60 26.77
N ASN A 223 8.52 -7.42 27.78
CA ASN A 223 9.52 -7.68 28.82
CA ASN A 223 9.54 -7.67 28.82
C ASN A 223 10.82 -8.19 28.21
N TYR A 224 10.69 -9.08 27.24
CA TYR A 224 11.85 -9.64 26.55
C TYR A 224 12.62 -8.57 25.80
N VAL A 225 11.89 -7.72 25.07
CA VAL A 225 12.55 -6.61 24.39
C VAL A 225 13.31 -5.74 25.40
N ARG A 226 12.66 -5.40 26.51
CA ARG A 226 13.34 -4.59 27.52
C ARG A 226 14.63 -5.25 28.00
N SER A 227 14.63 -6.58 28.08
CA SER A 227 15.80 -7.29 28.57
C SER A 227 16.96 -7.22 27.59
N LEU A 228 16.68 -6.91 26.33
CA LEU A 228 17.70 -6.85 25.30
C LEU A 228 18.16 -5.44 24.98
N ARG A 229 17.46 -4.43 25.49
CA ARG A 229 17.84 -3.05 25.27
C ARG A 229 19.17 -2.77 25.93
N VAL A 230 20.03 -2.05 25.22
CA VAL A 230 21.29 -1.57 25.79
C VAL A 230 21.24 -0.04 25.81
N ASP A 231 21.63 0.56 26.93
CA ASP A 231 21.51 2.02 27.08
C ASP A 231 22.18 2.76 25.93
N SER A 232 21.53 3.80 25.43
CA SER A 232 22.08 4.66 24.40
C SER A 232 22.17 4.00 23.00
N GLU A 233 21.69 2.77 22.85
CA GLU A 233 21.62 2.15 21.54
C GLU A 233 20.14 2.10 21.13
N PRO A 234 19.78 2.61 19.93
CA PRO A 234 18.37 2.53 19.56
C PRO A 234 17.94 1.14 19.20
N VAL A 235 16.71 0.82 19.56
CA VAL A 235 16.07 -0.39 19.11
C VAL A 235 15.34 -0.04 17.82
N LEU A 236 15.56 -0.83 16.76
CA LEU A 236 14.84 -0.60 15.52
C LEU A 236 13.53 -1.36 15.61
N VAL A 237 12.43 -0.64 15.41
CA VAL A 237 11.08 -1.23 15.45
CA VAL A 237 11.09 -1.23 15.46
C VAL A 237 10.37 -0.95 14.13
N HIS A 238 9.74 -1.96 13.58
CA HIS A 238 8.95 -1.76 12.38
C HIS A 238 7.80 -2.69 12.31
N CYS A 239 6.82 -2.30 11.52
CA CYS A 239 5.72 -3.16 11.15
C CYS A 239 5.62 -3.03 9.65
N SER A 240 4.43 -2.77 9.11
CA SER A 240 4.34 -2.51 7.67
C SER A 240 4.55 -1.02 7.41
N ALA A 241 3.76 -0.18 8.05
CA ALA A 241 3.89 1.28 7.91
C ALA A 241 4.85 1.92 8.91
N GLY A 242 5.11 1.23 10.01
CA GLY A 242 5.98 1.76 11.04
C GLY A 242 5.35 2.72 12.00
N ILE A 243 4.04 2.69 12.18
CA ILE A 243 3.37 3.65 13.08
C ILE A 243 2.39 3.04 14.07
N GLY A 244 1.57 2.08 13.68
CA GLY A 244 0.50 1.63 14.56
C GLY A 244 0.98 0.68 15.65
N ARG A 245 1.35 -0.53 15.23
CA ARG A 245 1.88 -1.53 16.15
C ARG A 245 3.17 -1.02 16.79
N THR A 246 4.02 -0.34 16.03
CA THR A 246 5.22 0.26 16.53
CA THR A 246 5.23 0.23 16.60
C THR A 246 4.88 1.23 17.69
N GLY A 247 3.89 2.09 17.48
CA GLY A 247 3.51 3.04 18.50
C GLY A 247 3.00 2.35 19.76
N VAL A 248 2.25 1.26 19.62
CA VAL A 248 1.79 0.54 20.81
C VAL A 248 2.96 -0.01 21.61
N LEU A 249 3.93 -0.62 20.93
CA LEU A 249 5.11 -1.16 21.59
CA LEU A 249 5.09 -1.16 21.61
C LEU A 249 5.86 -0.07 22.35
N VAL A 250 6.11 1.06 21.69
CA VAL A 250 6.83 2.15 22.32
C VAL A 250 6.07 2.67 23.53
N THR A 251 4.76 2.82 23.43
CA THR A 251 3.94 3.28 24.55
C THR A 251 4.05 2.31 25.73
N MET A 252 3.99 1.01 25.45
CA MET A 252 4.04 0.03 26.52
C MET A 252 5.39 -0.02 27.20
N GLU A 253 6.48 0.03 26.46
CA GLU A 253 7.78 0.04 27.08
C GLU A 253 7.94 1.27 27.96
N THR A 254 7.50 2.43 27.46
CA THR A 254 7.57 3.66 28.22
C THR A 254 6.81 3.51 29.53
N ALA A 255 5.59 3.01 29.45
CA ALA A 255 4.77 2.83 30.64
C ALA A 255 5.42 1.88 31.64
N MET A 256 6.05 0.80 31.16
CA MET A 256 6.72 -0.10 32.09
C MET A 256 7.84 0.57 32.84
N CYS A 257 8.59 1.43 32.18
CA CYS A 257 9.65 2.18 32.85
C CYS A 257 9.08 3.11 33.88
N LEU A 258 7.94 3.74 33.59
CA LEU A 258 7.31 4.66 34.53
C LEU A 258 6.76 3.95 35.76
N THR A 259 6.09 2.83 35.54
CA THR A 259 5.43 2.17 36.68
CA THR A 259 5.44 2.05 36.61
C THR A 259 6.47 1.67 37.68
N GLU A 260 7.57 1.12 37.20
CA GLU A 260 8.71 0.65 37.98
C GLU A 260 9.31 1.74 38.85
N ARG A 261 9.14 2.98 38.43
CA ARG A 261 9.75 4.15 39.04
C ARG A 261 8.70 4.95 39.84
N ASN A 262 7.49 4.44 39.96
CA ASN A 262 6.44 5.17 40.67
C ASN A 262 6.19 6.57 40.09
N LEU A 263 6.23 6.68 38.77
CA LEU A 263 5.97 7.93 38.07
C LEU A 263 4.62 7.85 37.37
N PRO A 264 3.87 8.95 37.36
CA PRO A 264 2.54 8.91 36.74
C PRO A 264 2.58 8.72 35.23
N ILE A 265 1.52 8.07 34.73
CA ILE A 265 1.44 7.69 33.33
C ILE A 265 0.24 8.32 32.70
N TYR A 266 0.48 9.11 31.65
CA TYR A 266 -0.58 9.78 30.89
C TYR A 266 -0.43 9.33 29.43
N PRO A 267 -1.13 8.25 29.05
CA PRO A 267 -0.93 7.71 27.71
C PRO A 267 -1.11 8.73 26.57
N LEU A 268 -1.99 9.69 26.74
CA LEU A 268 -2.22 10.66 25.65
C LEU A 268 -0.98 11.51 25.41
N ASP A 269 -0.26 11.79 26.49
CA ASP A 269 0.98 12.55 26.40
C ASP A 269 2.11 11.74 25.85
N ILE A 270 2.13 10.45 26.17
CA ILE A 270 3.12 9.56 25.57
C ILE A 270 2.89 9.50 24.05
N VAL A 271 1.64 9.36 23.62
CA VAL A 271 1.33 9.32 22.20
C VAL A 271 1.70 10.63 21.52
N ARG A 272 1.38 11.76 22.13
CA ARG A 272 1.76 13.05 21.55
C ARG A 272 3.28 13.15 21.38
N LYS A 273 4.02 12.72 22.40
CA LYS A 273 5.46 12.85 22.34
C LYS A 273 6.05 11.96 21.25
N MET A 274 5.45 10.80 20.99
CA MET A 274 5.84 9.98 19.83
C MET A 274 5.49 10.67 18.52
N ARG A 275 4.29 11.21 18.45
CA ARG A 275 3.81 11.80 17.21
C ARG A 275 4.59 13.06 16.84
N ASP A 276 5.23 13.71 17.79
CA ASP A 276 6.07 14.86 17.49
C ASP A 276 7.36 14.40 16.83
N GLN A 277 7.61 13.10 16.79
CA GLN A 277 8.81 12.52 16.20
C GLN A 277 8.54 11.66 14.96
N ARG A 278 7.40 10.97 14.94
CA ARG A 278 6.92 10.31 13.71
C ARG A 278 5.43 10.35 13.73
N ALA A 279 4.83 10.97 12.72
CA ALA A 279 3.40 11.21 12.72
C ALA A 279 2.59 9.92 12.79
N MET A 280 1.44 10.01 13.43
CA MET A 280 0.40 8.98 13.41
C MET A 280 0.69 7.75 14.25
N MET A 281 1.73 7.75 15.06
CA MET A 281 2.01 6.58 15.85
CA MET A 281 2.02 6.62 15.94
C MET A 281 0.82 6.30 16.80
N VAL A 282 0.50 5.00 16.90
CA VAL A 282 -0.76 4.44 17.44
C VAL A 282 -1.91 4.86 16.52
N GLN A 283 -2.28 3.98 15.62
CA GLN A 283 -3.16 4.38 14.54
C GLN A 283 -4.62 4.35 14.90
N THR A 284 -5.07 3.40 15.68
CA THR A 284 -6.50 3.20 15.83
C THR A 284 -6.94 3.28 17.28
N SER A 285 -8.23 3.56 17.45
CA SER A 285 -8.83 3.57 18.78
CA SER A 285 -8.82 3.57 18.77
C SER A 285 -8.67 2.22 19.49
N SER A 286 -8.81 1.13 18.75
CA SER A 286 -8.65 -0.18 19.38
C SER A 286 -7.23 -0.36 19.92
N GLN A 287 -6.26 0.12 19.18
CA GLN A 287 -4.87 0.06 19.62
C GLN A 287 -4.64 0.87 20.89
N TYR A 288 -5.18 2.09 20.91
CA TYR A 288 -5.03 2.91 22.09
C TYR A 288 -5.75 2.32 23.31
N LYS A 289 -6.98 1.87 23.11
CA LYS A 289 -7.72 1.23 24.20
C LYS A 289 -6.94 0.04 24.76
N PHE A 290 -6.42 -0.78 23.86
CA PHE A 290 -5.64 -1.94 24.26
C PHE A 290 -4.46 -1.55 25.13
N VAL A 291 -3.69 -0.58 24.68
CA VAL A 291 -2.47 -0.27 25.42
C VAL A 291 -2.83 0.37 26.77
N CYS A 292 -3.89 1.17 26.82
CA CYS A 292 -4.33 1.72 28.11
C CYS A 292 -4.74 0.62 29.09
N GLU A 293 -5.51 -0.36 28.61
CA GLU A 293 -5.86 -1.51 29.45
C GLU A 293 -4.63 -2.30 29.90
N ALA A 294 -3.66 -2.48 29.01
CA ALA A 294 -2.44 -3.20 29.34
C ALA A 294 -1.61 -2.47 30.40
N ILE A 295 -1.60 -1.15 30.29
CA ILE A 295 -0.93 -0.33 31.28
C ILE A 295 -1.54 -0.51 32.66
N LEU A 296 -2.86 -0.48 32.75
CA LEU A 296 -3.49 -0.73 34.05
C LEU A 296 -3.11 -2.10 34.62
N ARG A 297 -3.09 -3.11 33.75
CA ARG A 297 -2.71 -4.45 34.19
C ARG A 297 -1.28 -4.48 34.71
N VAL A 298 -0.35 -3.91 33.98
CA VAL A 298 1.04 -3.89 34.44
C VAL A 298 1.21 -3.15 35.75
N TYR A 299 0.48 -2.04 35.90
CA TYR A 299 0.50 -1.29 37.14
C TYR A 299 0.05 -2.16 38.31
N GLU A 300 -1.09 -2.82 38.15
CA GLU A 300 -1.66 -3.61 39.24
CA GLU A 300 -1.66 -3.62 39.23
C GLU A 300 -0.76 -4.79 39.59
N GLU A 301 -0.21 -5.44 38.59
CA GLU A 301 0.72 -6.55 38.82
C GLU A 301 1.98 -6.08 39.51
N GLY A 302 2.42 -4.87 39.20
CA GLY A 302 3.63 -4.33 39.78
C GLY A 302 3.48 -4.09 41.27
N LEU A 303 2.27 -3.81 41.72
CA LEU A 303 2.04 -3.60 43.14
C LEU A 303 2.14 -4.89 43.93
N VAL A 304 1.71 -5.99 43.32
CA VAL A 304 1.84 -7.30 43.95
C VAL A 304 3.31 -7.68 44.00
N GLN A 305 3.94 -7.81 42.82
CA GLN A 305 5.40 -7.94 42.59
C GLN A 305 5.66 -8.63 41.25
N SER B 22 14.29 14.55 -20.73
CA SER B 22 14.29 15.92 -21.20
C SER B 22 12.89 16.43 -21.53
N ASN B 23 12.44 17.38 -20.73
CA ASN B 23 11.06 17.86 -20.80
C ASN B 23 10.86 18.90 -21.88
N ALA B 24 9.75 18.81 -22.62
CA ALA B 24 9.43 19.80 -23.64
C ALA B 24 9.03 21.12 -23.00
N ASP B 25 8.46 21.04 -21.80
CA ASP B 25 8.03 22.20 -21.04
C ASP B 25 8.06 21.77 -19.60
N THR B 26 7.92 22.72 -18.69
CA THR B 26 7.72 22.36 -17.30
C THR B 26 6.32 21.78 -17.14
N LEU B 27 6.10 21.09 -16.03
CA LEU B 27 4.75 20.67 -15.70
C LEU B 27 3.80 21.86 -15.72
N GLU B 28 4.21 22.97 -15.09
CA GLU B 28 3.40 24.17 -15.07
C GLU B 28 3.00 24.61 -16.48
N GLY B 29 3.98 24.62 -17.38
CA GLY B 29 3.75 25.03 -18.74
C GLY B 29 2.80 24.08 -19.46
N SER B 30 2.95 22.78 -19.21
CA SER B 30 2.07 21.82 -19.87
C SER B 30 0.64 21.97 -19.40
N MET B 31 0.47 22.36 -18.13
CA MET B 31 -0.87 22.60 -17.61
C MET B 31 -1.51 23.88 -18.13
N ALA B 32 -0.72 24.94 -18.29
CA ALA B 32 -1.22 26.13 -18.96
C ALA B 32 -1.65 25.83 -20.39
N GLN B 33 -0.85 25.02 -21.09
CA GLN B 33 -1.19 24.64 -22.44
C GLN B 33 -2.50 23.85 -22.47
N LEU B 34 -2.64 22.89 -21.56
CA LEU B 34 -3.83 22.06 -21.50
C LEU B 34 -5.08 22.91 -21.22
N LYS B 35 -4.98 23.80 -20.23
CA LYS B 35 -6.10 24.67 -19.88
C LYS B 35 -6.50 25.55 -21.08
N LYS B 36 -5.51 26.14 -21.75
CA LYS B 36 -5.77 26.99 -22.91
C LYS B 36 -6.47 26.21 -24.02
N GLY B 37 -6.03 24.98 -24.24
CA GLY B 37 -6.56 24.15 -25.30
C GLY B 37 -7.94 23.57 -25.02
N LEU B 38 -8.25 23.37 -23.74
CA LEU B 38 -9.60 23.02 -23.32
C LEU B 38 -10.54 24.19 -23.57
N GLU B 39 -10.09 25.40 -23.30
CA GLU B 39 -10.91 26.59 -23.53
C GLU B 39 -11.13 26.86 -25.02
N SER B 40 -10.09 26.71 -25.82
CA SER B 40 -10.17 27.04 -27.24
C SER B 40 -10.83 25.95 -28.07
N GLY B 41 -10.80 24.71 -27.58
CA GLY B 41 -11.31 23.58 -28.33
C GLY B 41 -10.25 22.79 -29.08
N THR B 42 -9.01 23.25 -29.08
CA THR B 42 -7.99 22.57 -29.85
C THR B 42 -7.61 21.20 -29.27
N VAL B 43 -7.67 21.06 -27.95
CA VAL B 43 -7.35 19.79 -27.30
C VAL B 43 -8.28 18.69 -27.79
N LEU B 44 -9.57 18.97 -27.88
CA LEU B 44 -10.51 17.96 -28.34
CA LEU B 44 -10.52 17.97 -28.35
C LEU B 44 -10.38 17.70 -29.83
N ILE B 45 -10.09 18.74 -30.60
CA ILE B 45 -9.86 18.59 -32.03
C ILE B 45 -8.73 17.61 -32.29
N GLN B 46 -7.62 17.78 -31.56
CA GLN B 46 -6.48 16.93 -31.74
C GLN B 46 -6.81 15.49 -31.32
N PHE B 47 -7.60 15.30 -30.26
CA PHE B 47 -8.00 13.98 -29.85
C PHE B 47 -8.79 13.31 -30.96
N GLU B 48 -9.73 14.04 -31.55
CA GLU B 48 -10.60 13.49 -32.59
C GLU B 48 -9.78 13.10 -33.84
N GLN B 49 -8.63 13.75 -34.05
CA GLN B 49 -7.75 13.41 -35.16
C GLN B 49 -6.81 12.22 -34.93
N LEU B 50 -6.58 11.85 -33.67
CA LEU B 50 -5.62 10.79 -33.37
C LEU B 50 -6.10 9.47 -33.93
N TYR B 51 -5.19 8.65 -34.45
CA TYR B 51 -5.58 7.33 -34.89
C TYR B 51 -6.21 6.52 -33.76
N ARG B 52 -7.14 5.67 -34.14
CA ARG B 52 -7.79 4.78 -33.20
C ARG B 52 -7.00 3.48 -33.05
N LYS B 53 -6.47 2.99 -34.16
CA LYS B 53 -5.67 1.77 -34.15
C LYS B 53 -4.37 2.09 -34.80
N LYS B 54 -3.28 1.57 -34.24
CA LYS B 54 -1.96 1.86 -34.80
C LYS B 54 -1.80 1.11 -36.13
N PRO B 55 -1.47 1.93 -37.18
N PRO B 55 -1.55 1.76 -37.28
CA PRO B 55 -0.90 1.47 -38.44
CA PRO B 55 -1.75 1.07 -38.60
C PRO B 55 0.35 0.72 -38.15
C PRO B 55 -1.08 -0.33 -38.96
N GLY B 56 0.16 -0.50 -38.51
CA GLY B 56 1.14 -1.51 -38.84
C GLY B 56 1.22 -2.59 -37.79
N LEU B 57 0.24 -2.65 -36.88
CA LEU B 57 0.14 -3.76 -35.96
C LEU B 57 -0.94 -4.71 -36.44
N ALA B 58 -0.55 -5.96 -36.64
CA ALA B 58 -1.47 -6.98 -37.12
C ALA B 58 -2.53 -7.38 -36.08
N ILE B 59 -3.72 -7.66 -36.57
CA ILE B 59 -4.78 -8.24 -35.78
C ILE B 59 -5.26 -9.46 -36.59
N THR B 60 -4.78 -10.65 -36.21
CA THR B 60 -5.09 -11.87 -36.92
C THR B 60 -5.68 -12.92 -36.01
N PHE B 61 -5.03 -13.22 -34.89
CA PHE B 61 -5.53 -14.25 -34.01
C PHE B 61 -6.97 -14.01 -33.55
N ALA B 62 -7.27 -12.76 -33.26
CA ALA B 62 -8.60 -12.38 -32.79
C ALA B 62 -9.72 -12.69 -33.78
N LYS B 63 -9.36 -12.82 -35.05
CA LYS B 63 -10.34 -13.05 -36.11
C LYS B 63 -10.35 -14.49 -36.58
N LEU B 64 -9.54 -15.36 -36.00
CA LEU B 64 -9.58 -16.75 -36.43
C LEU B 64 -10.96 -17.31 -36.14
N PRO B 65 -11.45 -18.23 -37.00
CA PRO B 65 -12.79 -18.77 -36.78
C PRO B 65 -13.05 -19.29 -35.37
N GLN B 66 -12.08 -19.98 -34.76
CA GLN B 66 -12.30 -20.54 -33.44
C GLN B 66 -12.29 -19.49 -32.31
N ASN B 67 -11.90 -18.26 -32.65
CA ASN B 67 -11.81 -17.20 -31.66
C ASN B 67 -12.89 -16.14 -31.76
N LEU B 68 -13.63 -16.13 -32.86
CA LEU B 68 -14.60 -15.05 -33.08
C LEU B 68 -15.62 -14.96 -31.95
N ASP B 69 -16.07 -16.10 -31.44
CA ASP B 69 -17.10 -16.08 -30.40
C ASP B 69 -16.56 -15.66 -29.03
N LYS B 70 -15.25 -15.52 -28.93
CA LYS B 70 -14.62 -15.09 -27.67
C LYS B 70 -14.49 -13.58 -27.58
N ASN B 71 -14.93 -12.87 -28.61
CA ASN B 71 -14.93 -11.41 -28.62
C ASN B 71 -16.32 -10.89 -28.32
N ARG B 72 -16.45 -10.08 -27.28
CA ARG B 72 -17.74 -9.53 -26.96
C ARG B 72 -18.23 -8.58 -28.05
N TYR B 73 -17.34 -7.77 -28.59
CA TYR B 73 -17.65 -6.81 -29.64
C TYR B 73 -16.80 -7.16 -30.83
N LYS B 74 -17.43 -7.26 -32.00
CA LYS B 74 -16.78 -7.79 -33.18
C LYS B 74 -15.51 -7.08 -33.56
N ASP B 75 -15.49 -5.77 -33.39
CA ASP B 75 -14.37 -4.95 -33.85
C ASP B 75 -13.50 -4.38 -32.73
N VAL B 76 -13.70 -4.81 -31.48
CA VAL B 76 -12.82 -4.42 -30.38
C VAL B 76 -11.93 -5.62 -30.10
N LEU B 77 -10.73 -5.58 -30.68
CA LEU B 77 -9.85 -6.73 -30.80
C LEU B 77 -8.42 -6.41 -30.38
N PRO B 78 -7.72 -7.36 -29.74
CA PRO B 78 -6.32 -7.14 -29.37
C PRO B 78 -5.40 -7.26 -30.57
N TYR B 79 -4.32 -6.47 -30.56
CA TYR B 79 -3.21 -6.67 -31.49
C TYR B 79 -2.54 -8.00 -31.20
N ASP B 80 -2.04 -8.64 -32.25
CA ASP B 80 -1.30 -9.88 -32.08
C ASP B 80 -0.12 -9.74 -31.09
N THR B 81 0.60 -8.64 -31.20
CA THR B 81 1.85 -8.53 -30.48
C THR B 81 1.68 -8.35 -28.98
N THR B 82 0.58 -7.71 -28.56
CA THR B 82 0.40 -7.40 -27.15
C THR B 82 -0.74 -8.19 -26.51
N ARG B 83 -1.30 -9.16 -27.22
CA ARG B 83 -2.38 -9.96 -26.64
C ARG B 83 -1.88 -10.85 -25.52
N VAL B 84 -2.72 -11.12 -24.55
CA VAL B 84 -2.41 -12.04 -23.47
C VAL B 84 -2.59 -13.48 -23.95
N LEU B 85 -1.56 -14.31 -23.76
CA LEU B 85 -1.62 -15.71 -24.17
C LEU B 85 -2.03 -16.62 -23.04
N LEU B 86 -2.91 -17.57 -23.34
CA LEU B 86 -3.28 -18.64 -22.44
C LEU B 86 -2.49 -19.87 -22.82
N GLN B 87 -2.13 -20.68 -21.83
CA GLN B 87 -1.53 -21.98 -22.11
C GLN B 87 -2.62 -22.95 -22.52
N GLY B 88 -2.35 -23.76 -23.53
CA GLY B 88 -3.28 -24.80 -23.96
C GLY B 88 -3.55 -24.81 -25.45
N ASN B 89 -4.50 -25.65 -25.85
CA ASN B 89 -4.81 -25.82 -27.26
C ASN B 89 -5.47 -24.55 -27.81
N GLU B 90 -6.08 -23.78 -26.89
CA GLU B 90 -6.76 -22.54 -27.26
C GLU B 90 -6.17 -21.38 -26.45
N ASP B 91 -5.27 -20.65 -27.10
CA ASP B 91 -4.47 -19.67 -26.38
C ASP B 91 -5.13 -18.30 -26.30
N TYR B 92 -6.38 -18.17 -26.76
CA TYR B 92 -6.92 -16.83 -27.01
C TYR B 92 -7.86 -16.29 -25.95
N ILE B 93 -7.55 -15.07 -25.54
CA ILE B 93 -8.48 -14.25 -24.78
C ILE B 93 -8.40 -12.82 -25.31
N ASN B 94 -9.54 -12.13 -25.31
CA ASN B 94 -9.55 -10.73 -25.71
C ASN B 94 -9.04 -9.88 -24.52
N ALA B 95 -7.73 -9.76 -24.47
CA ALA B 95 -7.03 -9.06 -23.39
C ALA B 95 -5.69 -8.65 -23.93
N SER B 96 -5.21 -7.51 -23.43
CA SER B 96 -3.97 -6.90 -23.91
C SER B 96 -3.10 -6.43 -22.77
N TYR B 97 -1.79 -6.60 -22.91
CA TYR B 97 -0.84 -5.97 -22.01
C TYR B 97 -0.76 -4.49 -22.39
N VAL B 98 -0.89 -3.61 -21.39
CA VAL B 98 -0.75 -2.18 -21.57
C VAL B 98 0.14 -1.68 -20.45
N ASN B 99 1.32 -1.22 -20.83
CA ASN B 99 2.35 -0.80 -19.87
C ASN B 99 2.64 0.66 -20.11
N MET B 100 2.56 1.48 -19.06
CA MET B 100 2.78 2.91 -19.17
C MET B 100 4.10 3.27 -18.49
N GLU B 101 5.02 3.82 -19.26
CA GLU B 101 6.36 4.18 -18.76
C GLU B 101 6.39 5.62 -18.30
N ILE B 102 6.98 5.81 -17.12
CA ILE B 102 7.35 7.11 -16.63
C ILE B 102 8.91 7.05 -16.69
N PRO B 103 9.53 7.23 -17.88
CA PRO B 103 10.96 6.86 -17.95
C PRO B 103 11.90 7.73 -17.10
N ALA B 104 11.57 9.00 -16.95
CA ALA B 104 12.31 9.88 -16.06
C ALA B 104 12.04 9.53 -14.60
N ALA B 105 11.82 8.25 -14.30
CA ALA B 105 11.46 7.82 -12.96
C ALA B 105 11.73 6.33 -12.70
N ASN B 106 12.25 5.65 -13.72
CA ASN B 106 12.48 4.21 -13.62
C ASN B 106 11.22 3.54 -13.11
N LEU B 107 10.10 3.89 -13.75
CA LEU B 107 8.79 3.40 -13.34
C LEU B 107 8.00 2.97 -14.56
N VAL B 108 7.42 1.77 -14.49
CA VAL B 108 6.44 1.29 -15.48
C VAL B 108 5.22 0.79 -14.73
N ASN B 109 4.05 1.32 -15.06
CA ASN B 109 2.80 0.82 -14.50
C ASN B 109 2.20 -0.17 -15.46
N LYS B 110 2.05 -1.40 -14.99
CA LYS B 110 1.57 -2.47 -15.83
C LYS B 110 0.09 -2.69 -15.64
N TYR B 111 -0.59 -2.96 -16.76
CA TYR B 111 -2.00 -3.32 -16.78
C TYR B 111 -2.24 -4.49 -17.71
N ILE B 112 -3.32 -5.21 -17.46
CA ILE B 112 -3.94 -6.05 -18.50
C ILE B 112 -5.33 -5.46 -18.70
N ALA B 113 -5.60 -5.00 -19.91
CA ALA B 113 -6.90 -4.43 -20.27
C ALA B 113 -7.69 -5.48 -21.01
N THR B 114 -8.89 -5.76 -20.54
CA THR B 114 -9.69 -6.83 -21.14
C THR B 114 -11.16 -6.46 -21.19
N GLN B 115 -11.92 -7.20 -21.97
CA GLN B 115 -13.36 -7.04 -22.04
C GLN B 115 -14.04 -7.69 -20.84
N GLY B 116 -15.31 -7.37 -20.66
CA GLY B 116 -16.12 -8.07 -19.67
C GLY B 116 -16.34 -9.51 -20.15
N PRO B 117 -15.98 -10.50 -19.34
CA PRO B 117 -16.12 -11.88 -19.79
C PRO B 117 -17.53 -12.23 -20.23
N LEU B 118 -17.60 -13.13 -21.22
CA LEU B 118 -18.83 -13.74 -21.69
C LEU B 118 -19.01 -15.00 -20.85
N PRO B 119 -20.21 -15.60 -20.88
CA PRO B 119 -20.43 -16.80 -20.07
C PRO B 119 -19.37 -17.88 -20.32
N HIS B 120 -18.98 -18.06 -21.57
CA HIS B 120 -18.06 -19.11 -21.96
C HIS B 120 -16.59 -18.66 -21.96
N THR B 121 -16.30 -17.43 -21.54
CA THR B 121 -14.88 -17.01 -21.41
C THR B 121 -14.47 -16.77 -19.96
N CYS B 122 -15.38 -17.02 -19.02
CA CYS B 122 -15.05 -16.85 -17.60
C CYS B 122 -13.88 -17.74 -17.18
N ALA B 123 -13.80 -18.95 -17.74
CA ALA B 123 -12.72 -19.85 -17.38
C ALA B 123 -11.38 -19.28 -17.82
N GLN B 124 -11.36 -18.65 -18.99
CA GLN B 124 -10.13 -18.07 -19.52
C GLN B 124 -9.72 -16.82 -18.72
N PHE B 125 -10.70 -16.01 -18.35
CA PHE B 125 -10.46 -14.83 -17.51
C PHE B 125 -9.78 -15.23 -16.21
N TRP B 126 -10.34 -16.23 -15.53
CA TRP B 126 -9.76 -16.68 -14.26
C TRP B 126 -8.39 -17.34 -14.47
N GLN B 127 -8.19 -17.99 -15.61
CA GLN B 127 -6.90 -18.58 -15.91
C GLN B 127 -5.82 -17.51 -15.98
N VAL B 128 -6.14 -16.35 -16.57
CA VAL B 128 -5.20 -15.24 -16.62
C VAL B 128 -4.87 -14.77 -15.20
N VAL B 129 -5.91 -14.60 -14.39
CA VAL B 129 -5.73 -14.14 -13.03
C VAL B 129 -4.81 -15.14 -12.28
N TRP B 130 -5.07 -16.42 -12.46
CA TRP B 130 -4.29 -17.45 -11.80
C TRP B 130 -2.87 -17.49 -12.35
N ASP B 131 -2.73 -17.55 -13.66
CA ASP B 131 -1.43 -17.69 -14.32
C ASP B 131 -0.47 -16.68 -13.76
N GLN B 132 -0.96 -15.46 -13.61
CA GLN B 132 -0.11 -14.33 -13.32
C GLN B 132 -0.24 -13.87 -11.86
N LYS B 133 -1.02 -14.63 -11.07
CA LYS B 133 -1.28 -14.34 -9.67
C LYS B 133 -1.61 -12.85 -9.46
N LEU B 134 -2.52 -12.38 -10.30
CA LEU B 134 -3.01 -11.00 -10.25
C LEU B 134 -3.81 -10.80 -8.97
N SER B 135 -3.44 -9.78 -8.18
CA SER B 135 -4.10 -9.55 -6.91
CA SER B 135 -4.07 -9.52 -6.89
C SER B 135 -5.15 -8.43 -6.92
N LEU B 136 -5.27 -7.73 -8.04
CA LEU B 136 -6.27 -6.66 -8.16
C LEU B 136 -6.98 -6.66 -9.50
N ILE B 137 -8.30 -6.72 -9.44
CA ILE B 137 -9.16 -6.56 -10.61
C ILE B 137 -9.96 -5.29 -10.41
N VAL B 138 -9.96 -4.44 -11.43
CA VAL B 138 -10.75 -3.20 -11.43
C VAL B 138 -11.77 -3.32 -12.55
N MET B 139 -13.04 -3.41 -12.19
CA MET B 139 -14.15 -3.53 -13.10
C MET B 139 -14.90 -2.21 -13.14
N LEU B 140 -15.06 -1.64 -14.32
CA LEU B 140 -15.58 -0.28 -14.47
C LEU B 140 -16.99 -0.21 -15.06
N THR B 141 -17.75 -1.28 -14.96
CA THR B 141 -19.09 -1.38 -15.51
C THR B 141 -20.01 -2.07 -14.51
N THR B 142 -21.30 -1.77 -14.63
CA THR B 142 -22.33 -2.62 -14.06
C THR B 142 -22.53 -3.84 -14.95
N LEU B 143 -23.18 -4.87 -14.42
CA LEU B 143 -23.44 -6.08 -15.20
C LEU B 143 -24.37 -5.82 -16.36
N THR B 144 -25.32 -4.92 -16.18
CA THR B 144 -26.28 -4.56 -17.21
C THR B 144 -26.44 -3.05 -17.26
N GLU B 145 -26.84 -2.57 -18.44
CA GLU B 145 -27.23 -1.19 -18.66
CA GLU B 145 -27.24 -1.18 -18.62
C GLU B 145 -28.44 -1.17 -19.55
N ARG B 146 -29.55 -0.58 -19.10
CA ARG B 146 -30.81 -0.58 -19.85
C ARG B 146 -31.26 -1.98 -20.24
N GLY B 147 -31.09 -2.92 -19.32
CA GLY B 147 -31.55 -4.28 -19.49
C GLY B 147 -30.63 -5.15 -20.32
N ARG B 148 -29.64 -4.53 -20.95
CA ARG B 148 -28.73 -5.27 -21.82
C ARG B 148 -27.49 -5.64 -21.03
N THR B 149 -27.10 -6.89 -21.17
CA THR B 149 -25.92 -7.41 -20.51
C THR B 149 -24.62 -6.78 -21.07
N LYS B 150 -23.78 -6.32 -20.15
CA LYS B 150 -22.49 -5.71 -20.47
C LYS B 150 -21.34 -6.60 -20.03
N CYS B 151 -21.59 -7.46 -19.05
CA CYS B 151 -20.56 -8.33 -18.51
C CYS B 151 -21.24 -9.50 -17.84
N HIS B 152 -20.71 -10.69 -17.98
CA HIS B 152 -21.25 -11.83 -17.27
C HIS B 152 -20.77 -11.76 -15.82
N GLN B 153 -21.59 -12.19 -14.86
CA GLN B 153 -21.13 -12.21 -13.48
C GLN B 153 -20.23 -13.42 -13.25
N TYR B 154 -18.92 -13.17 -13.22
CA TYR B 154 -17.91 -14.22 -13.19
C TYR B 154 -17.45 -14.55 -11.76
N TRP B 155 -18.12 -13.95 -10.79
CA TRP B 155 -17.90 -14.25 -9.38
C TRP B 155 -19.24 -14.61 -8.73
N PRO B 156 -19.20 -15.36 -7.62
CA PRO B 156 -20.42 -15.76 -6.95
C PRO B 156 -20.88 -14.73 -5.93
N ASP B 157 -22.19 -14.61 -5.75
CA ASP B 157 -22.72 -13.89 -4.60
C ASP B 157 -22.32 -14.66 -3.34
N PRO B 158 -21.84 -13.96 -2.30
CA PRO B 158 -21.58 -14.74 -1.07
C PRO B 158 -22.90 -15.35 -0.55
N PRO B 159 -22.86 -16.55 0.05
CA PRO B 159 -21.72 -17.43 0.26
C PRO B 159 -21.66 -18.50 -0.82
N ASP B 160 -22.26 -18.22 -1.97
CA ASP B 160 -22.32 -19.20 -3.05
C ASP B 160 -20.91 -19.51 -3.53
N VAL B 161 -20.77 -20.67 -4.15
CA VAL B 161 -19.50 -21.09 -4.69
C VAL B 161 -19.65 -21.16 -6.20
N MET B 162 -18.54 -20.94 -6.90
CA MET B 162 -18.53 -20.91 -8.35
C MET B 162 -17.33 -21.70 -8.82
N ASN B 163 -17.52 -22.47 -9.88
CA ASN B 163 -16.40 -23.18 -10.52
C ASN B 163 -16.26 -22.75 -11.98
N HIS B 164 -15.05 -22.32 -12.33
CA HIS B 164 -14.73 -21.91 -13.69
C HIS B 164 -13.39 -22.50 -14.07
N GLY B 165 -13.39 -23.36 -15.09
CA GLY B 165 -12.16 -23.86 -15.69
C GLY B 165 -11.12 -24.41 -14.73
N GLY B 166 -11.56 -25.17 -13.73
CA GLY B 166 -10.63 -25.79 -12.80
C GLY B 166 -10.32 -24.93 -11.60
N PHE B 167 -11.00 -23.79 -11.49
CA PHE B 167 -10.85 -22.92 -10.33
C PHE B 167 -12.15 -22.80 -9.54
N HIS B 168 -12.00 -22.86 -8.23
CA HIS B 168 -13.07 -22.68 -7.27
C HIS B 168 -13.01 -21.21 -6.85
N ILE B 169 -14.10 -20.47 -7.03
CA ILE B 169 -14.14 -19.05 -6.68
C ILE B 169 -15.12 -18.85 -5.56
N GLN B 170 -14.70 -18.18 -4.50
CA GLN B 170 -15.63 -17.75 -3.47
C GLN B 170 -15.39 -16.29 -3.11
N CYS B 171 -16.49 -15.61 -2.82
CA CYS B 171 -16.43 -14.20 -2.43
C CYS B 171 -16.42 -14.14 -0.90
N GLN B 172 -15.28 -13.77 -0.33
CA GLN B 172 -15.09 -13.77 1.12
C GLN B 172 -15.72 -12.56 1.82
N SER B 173 -15.84 -11.46 1.10
CA SER B 173 -16.42 -10.25 1.67
C SER B 173 -16.94 -9.39 0.54
N GLU B 174 -17.95 -8.58 0.84
CA GLU B 174 -18.59 -7.70 -0.14
C GLU B 174 -19.06 -6.47 0.62
N ASP B 175 -18.48 -5.32 0.29
CA ASP B 175 -18.75 -4.06 0.98
CA ASP B 175 -18.82 -4.07 0.96
C ASP B 175 -18.97 -2.94 -0.05
N CYS B 176 -20.00 -2.15 0.13
CA CYS B 176 -20.34 -1.11 -0.84
C CYS B 176 -20.02 0.27 -0.33
N THR B 177 -19.72 1.14 -1.29
CA THR B 177 -19.60 2.56 -1.08
C THR B 177 -20.46 3.23 -2.13
N ILE B 178 -20.56 4.55 -2.10
CA ILE B 178 -21.43 5.25 -3.01
C ILE B 178 -21.14 4.90 -4.48
N ALA B 179 -19.87 4.80 -4.85
CA ALA B 179 -19.50 4.65 -6.26
C ALA B 179 -18.97 3.27 -6.62
N TYR B 180 -18.65 2.42 -5.65
CA TYR B 180 -18.02 1.15 -5.99
C TYR B 180 -18.23 0.08 -4.93
N VAL B 181 -18.14 -1.17 -5.35
CA VAL B 181 -18.25 -2.33 -4.49
C VAL B 181 -16.87 -2.95 -4.37
N SER B 182 -16.49 -3.32 -3.15
CA SER B 182 -15.20 -3.96 -2.89
CA SER B 182 -15.20 -3.97 -2.88
C SER B 182 -15.45 -5.39 -2.45
N ARG B 183 -14.81 -6.34 -3.12
CA ARG B 183 -15.00 -7.75 -2.83
C ARG B 183 -13.64 -8.41 -2.70
N GLU B 184 -13.51 -9.29 -1.73
CA GLU B 184 -12.31 -10.12 -1.61
C GLU B 184 -12.67 -11.51 -2.10
N MET B 185 -11.90 -12.00 -3.07
CA MET B 185 -12.17 -13.29 -3.68
CA MET B 185 -12.16 -13.29 -3.68
C MET B 185 -11.06 -14.25 -3.32
N LEU B 186 -11.44 -15.50 -3.04
CA LEU B 186 -10.48 -16.57 -2.83
C LEU B 186 -10.62 -17.51 -4.01
N VAL B 187 -9.52 -17.69 -4.73
CA VAL B 187 -9.45 -18.58 -5.88
C VAL B 187 -8.65 -19.82 -5.48
N THR B 188 -9.26 -20.99 -5.65
CA THR B 188 -8.60 -22.24 -5.32
C THR B 188 -8.43 -23.08 -6.58
N ASN B 189 -7.20 -23.48 -6.86
CA ASN B 189 -6.94 -24.46 -7.91
C ASN B 189 -7.44 -25.80 -7.40
N THR B 190 -8.49 -26.32 -8.03
CA THR B 190 -9.19 -27.49 -7.52
C THR B 190 -8.29 -28.73 -7.55
N GLN B 191 -7.48 -28.83 -8.59
CA GLN B 191 -6.64 -30.00 -8.80
C GLN B 191 -5.52 -30.12 -7.76
N THR B 192 -5.13 -29.01 -7.14
CA THR B 192 -3.97 -29.01 -6.25
C THR B 192 -4.23 -28.42 -4.88
N GLY B 193 -5.27 -27.60 -4.76
CA GLY B 193 -5.65 -27.02 -3.48
C GLY B 193 -4.98 -25.68 -3.14
N GLU B 194 -4.13 -25.19 -4.04
CA GLU B 194 -3.44 -23.93 -3.81
C GLU B 194 -4.45 -22.79 -3.88
N GLU B 195 -4.24 -21.80 -3.02
CA GLU B 195 -5.15 -20.68 -2.88
C GLU B 195 -4.49 -19.37 -3.30
N HIS B 196 -5.31 -18.47 -3.83
CA HIS B 196 -4.84 -17.16 -4.26
C HIS B 196 -5.95 -16.15 -3.97
N THR B 197 -5.60 -15.05 -3.32
CA THR B 197 -6.55 -13.99 -2.96
C THR B 197 -6.50 -12.86 -3.97
N VAL B 198 -7.68 -12.37 -4.34
CA VAL B 198 -7.79 -11.25 -5.30
C VAL B 198 -8.73 -10.22 -4.73
N THR B 199 -8.30 -8.95 -4.76
CA THR B 199 -9.21 -7.83 -4.47
C THR B 199 -9.90 -7.42 -5.76
N HIS B 200 -11.22 -7.33 -5.71
CA HIS B 200 -12.04 -6.99 -6.86
C HIS B 200 -12.81 -5.71 -6.54
N LEU B 201 -12.62 -4.67 -7.36
CA LEU B 201 -13.29 -3.38 -7.17
C LEU B 201 -14.19 -3.14 -8.36
N GLN B 202 -15.48 -2.92 -8.13
CA GLN B 202 -16.44 -2.71 -9.18
C GLN B 202 -16.99 -1.30 -9.09
N TYR B 203 -16.60 -0.44 -10.03
CA TYR B 203 -17.05 0.94 -10.03
C TYR B 203 -18.36 0.99 -10.79
N VAL B 204 -19.44 1.38 -10.12
CA VAL B 204 -20.79 1.24 -10.66
C VAL B 204 -21.40 2.55 -11.11
N ALA B 205 -20.71 3.66 -10.87
CA ALA B 205 -21.27 4.98 -11.14
C ALA B 205 -20.57 5.64 -12.31
N TRP B 206 -20.49 4.90 -13.44
CA TRP B 206 -19.77 5.35 -14.61
C TRP B 206 -20.34 4.66 -15.86
N PRO B 207 -21.25 5.34 -16.56
CA PRO B 207 -21.93 4.70 -17.70
C PRO B 207 -21.05 4.51 -18.90
N GLU B 208 -21.42 3.48 -19.67
CA GLU B 208 -20.75 3.18 -20.93
C GLU B 208 -20.70 4.39 -21.85
N HIS B 209 -19.55 4.63 -22.47
CA HIS B 209 -19.33 5.75 -23.39
C HIS B 209 -19.38 7.11 -22.72
N GLY B 210 -19.49 7.13 -21.40
CA GLY B 210 -19.62 8.37 -20.67
C GLY B 210 -18.54 8.58 -19.63
N VAL B 211 -18.85 9.46 -18.69
CA VAL B 211 -17.91 9.93 -17.69
C VAL B 211 -18.40 9.52 -16.30
N PRO B 212 -17.50 9.51 -15.32
CA PRO B 212 -17.97 9.19 -13.96
C PRO B 212 -19.06 10.15 -13.51
N ASP B 213 -20.06 9.62 -12.82
CA ASP B 213 -21.15 10.46 -12.32
C ASP B 213 -20.64 11.55 -11.37
N ASP B 214 -19.56 11.28 -10.67
CA ASP B 214 -19.01 12.24 -9.70
C ASP B 214 -17.48 12.22 -9.79
N SER B 215 -16.90 13.36 -10.13
CA SER B 215 -15.48 13.44 -10.35
CA SER B 215 -15.47 13.48 -10.34
C SER B 215 -14.68 13.20 -9.08
N SER B 216 -15.19 13.67 -7.93
CA SER B 216 -14.47 13.43 -6.67
C SER B 216 -14.45 11.97 -6.28
N ASP B 217 -15.58 11.28 -6.46
CA ASP B 217 -15.63 9.86 -6.19
C ASP B 217 -14.65 9.12 -7.09
N PHE B 218 -14.55 9.56 -8.34
CA PHE B 218 -13.61 8.96 -9.27
C PHE B 218 -12.16 9.14 -8.83
N LEU B 219 -11.80 10.35 -8.45
CA LEU B 219 -10.42 10.60 -8.03
C LEU B 219 -10.07 9.84 -6.75
N GLU B 220 -10.98 9.77 -5.78
CA GLU B 220 -10.73 8.97 -4.59
C GLU B 220 -10.49 7.51 -4.98
N PHE B 221 -11.29 7.01 -5.93
CA PHE B 221 -11.16 5.62 -6.39
C PHE B 221 -9.81 5.39 -7.05
N VAL B 222 -9.39 6.30 -7.92
CA VAL B 222 -8.09 6.14 -8.55
C VAL B 222 -6.96 6.17 -7.49
N ASN B 223 -7.07 7.05 -6.51
CA ASN B 223 -6.10 7.05 -5.42
CA ASN B 223 -6.08 7.04 -5.42
C ASN B 223 -6.06 5.70 -4.70
N TYR B 224 -7.24 5.12 -4.50
CA TYR B 224 -7.33 3.82 -3.87
C TYR B 224 -6.68 2.73 -4.71
N VAL B 225 -6.94 2.74 -6.02
CA VAL B 225 -6.27 1.80 -6.88
C VAL B 225 -4.73 1.96 -6.80
N ARG B 226 -4.25 3.20 -6.83
CA ARG B 226 -2.81 3.42 -6.72
C ARG B 226 -2.26 2.83 -5.42
N SER B 227 -3.04 2.92 -4.35
CA SER B 227 -2.57 2.42 -3.06
C SER B 227 -2.46 0.90 -3.05
N LEU B 228 -3.15 0.21 -3.96
CA LEU B 228 -3.12 -1.26 -4.04
C LEU B 228 -2.17 -1.80 -5.08
N ARG B 229 -1.66 -0.94 -5.96
CA ARG B 229 -0.70 -1.38 -6.95
C ARG B 229 0.58 -1.87 -6.31
N VAL B 230 1.10 -2.99 -6.82
CA VAL B 230 2.39 -3.52 -6.40
C VAL B 230 3.34 -3.46 -7.59
N ASP B 231 4.56 -2.97 -7.36
CA ASP B 231 5.49 -2.77 -8.46
C ASP B 231 5.69 -4.06 -9.24
N SER B 232 5.76 -3.95 -10.55
CA SER B 232 6.01 -5.09 -11.42
C SER B 232 4.84 -6.09 -11.53
N GLU B 233 3.70 -5.83 -10.87
CA GLU B 233 2.54 -6.70 -11.03
C GLU B 233 1.44 -5.93 -11.80
N PRO B 234 0.90 -6.53 -12.86
CA PRO B 234 -0.15 -5.83 -13.59
C PRO B 234 -1.45 -5.76 -12.82
N VAL B 235 -2.12 -4.61 -12.97
CA VAL B 235 -3.49 -4.49 -12.51
C VAL B 235 -4.40 -4.89 -13.67
N LEU B 236 -5.35 -5.77 -13.44
CA LEU B 236 -6.31 -6.11 -14.49
C LEU B 236 -7.43 -5.09 -14.45
N VAL B 237 -7.69 -4.45 -15.58
CA VAL B 237 -8.75 -3.45 -15.71
CA VAL B 237 -8.76 -3.47 -15.70
C VAL B 237 -9.70 -3.89 -16.82
N HIS B 238 -11.00 -3.81 -16.58
CA HIS B 238 -11.96 -4.12 -17.60
C HIS B 238 -13.21 -3.31 -17.42
N CYS B 239 -13.97 -3.20 -18.50
CA CYS B 239 -15.32 -2.67 -18.47
C CYS B 239 -16.13 -3.65 -19.30
N SER B 240 -16.90 -3.18 -20.28
CA SER B 240 -17.58 -4.12 -21.17
C SER B 240 -16.69 -4.46 -22.35
N ALA B 241 -16.23 -3.44 -23.04
CA ALA B 241 -15.33 -3.63 -24.20
C ALA B 241 -13.86 -3.63 -23.82
N GLY B 242 -13.52 -3.03 -22.68
CA GLY B 242 -12.15 -2.96 -22.21
C GLY B 242 -11.33 -1.84 -22.81
N ILE B 243 -11.96 -0.78 -23.30
CA ILE B 243 -11.22 0.30 -23.94
C ILE B 243 -11.55 1.73 -23.47
N GLY B 244 -12.83 2.05 -23.28
CA GLY B 244 -13.19 3.45 -22.99
C GLY B 244 -12.88 3.87 -21.57
N ARG B 245 -13.66 3.31 -20.65
CA ARG B 245 -13.47 3.59 -19.25
C ARG B 245 -12.12 3.11 -18.77
N THR B 246 -11.65 1.96 -19.25
CA THR B 246 -10.30 1.53 -18.90
CA THR B 246 -10.32 1.48 -18.94
C THR B 246 -9.27 2.54 -19.34
N GLY B 247 -9.40 3.06 -20.55
CA GLY B 247 -8.49 4.07 -21.01
C GLY B 247 -8.45 5.33 -20.14
N VAL B 248 -9.61 5.77 -19.67
CA VAL B 248 -9.67 6.94 -18.80
C VAL B 248 -8.93 6.66 -17.48
N LEU B 249 -9.16 5.49 -16.90
CA LEU B 249 -8.49 5.15 -15.65
CA LEU B 249 -8.48 5.12 -15.65
C LEU B 249 -6.98 5.10 -15.84
N VAL B 250 -6.50 4.46 -16.90
CA VAL B 250 -5.07 4.39 -17.15
C VAL B 250 -4.48 5.79 -17.35
N THR B 251 -5.16 6.66 -18.08
CA THR B 251 -4.68 7.99 -18.31
C THR B 251 -4.55 8.75 -16.98
N MET B 252 -5.57 8.63 -16.16
CA MET B 252 -5.57 9.33 -14.88
C MET B 252 -4.47 8.83 -13.96
N GLU B 253 -4.28 7.52 -13.84
CA GLU B 253 -3.20 7.05 -12.98
C GLU B 253 -1.86 7.54 -13.49
N THR B 254 -1.67 7.49 -14.81
CA THR B 254 -0.42 7.98 -15.38
C THR B 254 -0.19 9.44 -15.02
N ALA B 255 -1.20 10.27 -15.22
CA ALA B 255 -1.10 11.69 -14.91
C ALA B 255 -0.79 11.92 -13.42
N MET B 256 -1.38 11.14 -12.52
CA MET B 256 -1.07 11.32 -11.10
C MET B 256 0.40 11.03 -10.81
N CYS B 257 0.98 10.03 -11.45
CA CYS B 257 2.38 9.75 -11.27
C CYS B 257 3.24 10.87 -11.78
N LEU B 258 2.88 11.45 -12.91
CA LEU B 258 3.62 12.57 -13.47
C LEU B 258 3.55 13.82 -12.61
N THR B 259 2.36 14.17 -12.14
CA THR B 259 2.13 15.39 -11.36
CA THR B 259 2.22 15.42 -11.43
C THR B 259 3.03 15.41 -10.14
N GLU B 260 3.04 14.30 -9.42
CA GLU B 260 3.79 14.13 -8.18
CA GLU B 260 3.76 14.28 -8.16
C GLU B 260 5.27 14.27 -8.38
N ARG B 261 5.72 14.01 -9.60
CA ARG B 261 7.13 14.04 -9.96
C ARG B 261 7.53 15.31 -10.70
N ASN B 262 6.62 16.26 -10.81
CA ASN B 262 6.90 17.50 -11.51
C ASN B 262 7.31 17.25 -12.97
N LEU B 263 6.67 16.27 -13.61
CA LEU B 263 6.92 15.98 -15.02
C LEU B 263 5.74 16.45 -15.87
N PRO B 264 6.02 16.95 -17.06
CA PRO B 264 4.92 17.48 -17.90
C PRO B 264 3.98 16.39 -18.40
N ILE B 265 2.73 16.79 -18.58
CA ILE B 265 1.66 15.88 -18.95
C ILE B 265 1.03 16.33 -20.26
N TYR B 266 1.10 15.43 -21.24
CA TYR B 266 0.50 15.61 -22.56
C TYR B 266 -0.51 14.50 -22.78
N PRO B 267 -1.79 14.76 -22.46
CA PRO B 267 -2.77 13.67 -22.50
C PRO B 267 -2.87 13.00 -23.88
N LEU B 268 -2.66 13.74 -24.95
CA LEU B 268 -2.77 13.13 -26.28
C LEU B 268 -1.70 12.08 -26.47
N ASP B 269 -0.53 12.31 -25.93
CA ASP B 269 0.56 11.35 -26.02
C ASP B 269 0.36 10.15 -25.11
N ILE B 270 -0.26 10.37 -23.97
CA ILE B 270 -0.62 9.25 -23.10
C ILE B 270 -1.64 8.37 -23.83
N VAL B 271 -2.65 8.96 -24.43
CA VAL B 271 -3.62 8.18 -25.20
C VAL B 271 -2.97 7.43 -26.36
N ARG B 272 -2.10 8.09 -27.11
CA ARG B 272 -1.40 7.40 -28.21
C ARG B 272 -0.61 6.21 -27.69
N LYS B 273 0.07 6.36 -26.58
CA LYS B 273 0.91 5.31 -26.06
C LYS B 273 0.07 4.10 -25.61
N MET B 274 -1.11 4.36 -25.08
CA MET B 274 -2.07 3.28 -24.78
C MET B 274 -2.55 2.62 -26.06
N ARG B 275 -2.94 3.42 -27.02
CA ARG B 275 -3.51 2.89 -28.26
C ARG B 275 -2.52 2.07 -29.06
N ASP B 276 -1.24 2.27 -28.88
CA ASP B 276 -0.23 1.46 -29.52
C ASP B 276 -0.19 0.09 -28.90
N GLN B 277 -0.92 -0.11 -27.79
CA GLN B 277 -0.94 -1.37 -27.07
C GLN B 277 -2.30 -2.06 -27.07
N ARG B 278 -3.37 -1.25 -27.07
CA ARG B 278 -4.73 -1.78 -27.29
C ARG B 278 -5.50 -0.68 -27.99
N ALA B 279 -6.01 -0.95 -29.19
CA ALA B 279 -6.65 0.05 -29.98
C ALA B 279 -7.86 0.68 -29.30
N MET B 280 -8.05 1.96 -29.57
CA MET B 280 -9.27 2.69 -29.24
C MET B 280 -9.42 3.07 -27.78
N MET B 281 -8.40 2.90 -26.98
CA MET B 281 -8.52 3.27 -25.57
CA MET B 281 -8.44 3.31 -25.57
C MET B 281 -8.82 4.77 -25.47
N VAL B 282 -9.77 5.06 -24.58
CA VAL B 282 -10.49 6.35 -24.43
C VAL B 282 -11.38 6.51 -25.66
N GLN B 283 -12.64 6.15 -25.54
CA GLN B 283 -13.48 6.03 -26.71
C GLN B 283 -14.06 7.34 -27.19
N THR B 284 -14.49 8.18 -26.28
CA THR B 284 -15.30 9.34 -26.67
C THR B 284 -14.68 10.67 -26.28
N SER B 285 -15.12 11.72 -26.97
CA SER B 285 -14.68 13.06 -26.66
CA SER B 285 -14.69 13.06 -26.66
C SER B 285 -15.05 13.45 -25.23
N SER B 286 -16.21 13.04 -24.76
CA SER B 286 -16.60 13.38 -23.40
C SER B 286 -15.64 12.77 -22.40
N GLN B 287 -15.19 11.55 -22.67
CA GLN B 287 -14.22 10.88 -21.80
C GLN B 287 -12.90 11.60 -21.80
N TYR B 288 -12.42 11.96 -22.98
CA TYR B 288 -11.16 12.68 -23.05
C TYR B 288 -11.25 14.05 -22.37
N LYS B 289 -12.31 14.79 -22.63
CA LYS B 289 -12.47 16.10 -21.98
C LYS B 289 -12.49 15.95 -20.46
N PHE B 290 -13.23 14.95 -19.98
CA PHE B 290 -13.33 14.69 -18.56
C PHE B 290 -11.95 14.44 -17.95
N VAL B 291 -11.17 13.55 -18.56
CA VAL B 291 -9.90 13.22 -17.93
C VAL B 291 -8.95 14.39 -17.99
N CYS B 292 -9.00 15.19 -19.06
CA CYS B 292 -8.15 16.39 -19.12
C CYS B 292 -8.50 17.39 -18.02
N GLU B 293 -9.79 17.60 -17.80
CA GLU B 293 -10.23 18.47 -16.70
C GLU B 293 -9.81 17.92 -15.36
N ALA B 294 -9.91 16.61 -15.17
CA ALA B 294 -9.51 15.99 -13.92
C ALA B 294 -8.01 16.13 -13.67
N ILE B 295 -7.22 16.02 -14.73
CA ILE B 295 -5.77 16.20 -14.65
C ILE B 295 -5.45 17.62 -14.15
N LEU B 296 -6.10 18.62 -14.71
CA LEU B 296 -5.88 19.99 -14.24
C LEU B 296 -6.20 20.11 -12.76
N ARG B 297 -7.29 19.48 -12.33
CA ARG B 297 -7.71 19.53 -10.93
C ARG B 297 -6.67 18.89 -10.03
N VAL B 298 -6.20 17.71 -10.36
CA VAL B 298 -5.18 17.03 -9.57
CA VAL B 298 -5.21 17.08 -9.49
C VAL B 298 -3.87 17.84 -9.51
N TYR B 299 -3.51 18.44 -10.64
CA TYR B 299 -2.31 19.28 -10.69
C TYR B 299 -2.43 20.44 -9.69
N GLU B 300 -3.56 21.14 -9.74
CA GLU B 300 -3.75 22.32 -8.89
CA GLU B 300 -3.77 22.32 -8.91
C GLU B 300 -3.81 21.94 -7.42
N GLU B 301 -4.47 20.83 -7.11
CA GLU B 301 -4.53 20.38 -5.72
C GLU B 301 -3.14 19.94 -5.24
N GLY B 302 -2.35 19.38 -6.13
CA GLY B 302 -1.00 18.92 -5.78
C GLY B 302 -0.10 20.06 -5.35
N LEU B 303 -0.33 21.24 -5.90
N LEU B 303 -0.36 21.26 -5.88
CA LEU B 303 0.47 22.39 -5.53
CA LEU B 303 0.43 22.46 -5.57
C LEU B 303 0.18 22.77 -4.09
C LEU B 303 0.07 23.09 -4.23
N VAL B 304 -1.09 22.72 -3.70
CA VAL B 304 -1.49 23.12 -2.37
C VAL B 304 -0.92 22.11 -1.38
N GLN B 305 -1.31 20.85 -1.53
CA GLN B 305 -0.77 19.63 -0.89
C GLN B 305 -1.84 18.55 -0.80
#